data_7MSV
#
_entry.id   7MSV
#
loop_
_entity.id
_entity.type
_entity.pdbx_description
1 polymer "DNA (5'-D(*AP*AP*GP*GP*GP*AP*GP*GP*GP*CP*GP*GP*CP*GP*GP*GP*AP*CP*A)-3')"
2 non-polymer "2'-DEOXYGUANOSINE-5'-MONOPHOSPHATE"
3 non-polymer BERBERINE
#
_entity_poly.entity_id   1
_entity_poly.type   'polydeoxyribonucleotide'
_entity_poly.pdbx_seq_one_letter_code
;(DA)(DA)(DG)(DG)(DG)(DA)(DG)(DG)(DG)(DC)(DG)(DG)(DC)(DG)(DG)(DG)(DA)(DC)(DA)
;
_entity_poly.pdbx_strand_id   X
#
loop_
_chem_comp.id
_chem_comp.type
_chem_comp.name
_chem_comp.formula
BER non-polymer BERBERINE 'C20 H18 N O4 1'
DA DNA linking 2'-DEOXYADENOSINE-5'-MONOPHOSPHATE 'C10 H14 N5 O6 P'
DC DNA linking 2'-DEOXYCYTIDINE-5'-MONOPHOSPHATE 'C9 H14 N3 O7 P'
DG DNA linking 2'-DEOXYGUANOSINE-5'-MONOPHOSPHATE 'C10 H14 N5 O7 P'
DGP non-polymer 2'-DEOXYGUANOSINE-5'-MONOPHOSPHATE 'C10 H14 N5 O7 P'
#
# COMPACT_ATOMS: atom_id res chain seq x y z
P DGP B . 1.59 7.62 2.61
OP1 DGP B . 0.56 6.92 3.42
OP2 DGP B . 1.82 9.07 2.84
OP3 DGP B . 2.97 6.86 2.84
O5' DGP B . 1.28 7.36 1.05
C5' DGP B . 1.89 8.14 0.03
C4' DGP B . 1.66 7.59 -1.38
O4' DGP B . 2.32 6.34 -1.52
C3' DGP B . 0.16 7.39 -1.72
O3' DGP B . -0.13 7.84 -3.03
C2' DGP B . 0.00 5.88 -1.62
C1' DGP B . 1.40 5.34 -1.94
N9 DGP B . 1.70 4.06 -1.26
C8 DGP B . 1.51 3.73 0.05
N7 DGP B . 1.78 2.49 0.34
C5 DGP B . 2.19 1.95 -0.88
C6 DGP B . 2.62 0.63 -1.24
O6 DGP B . 2.71 -0.35 -0.51
N1 DGP B . 2.98 0.50 -2.56
C2 DGP B . 2.95 1.53 -3.45
N2 DGP B . 3.30 1.29 -4.68
N3 DGP B . 2.54 2.77 -3.17
C4 DGP B . 2.17 2.92 -1.87
HOP3 DGP B . 3.20 6.97 3.77
H5' DGP B . 2.96 8.18 0.21
H5'' DGP B . 1.50 9.16 0.07
H4' DGP B . 2.08 8.30 -2.10
H3' DGP B . -0.47 7.89 -0.99
HO3' DGP B . -1.10 7.94 -3.13
H2' DGP B . -0.30 5.61 -0.60
H2'' DGP B . -0.74 5.49 -2.33
H1' DGP B . 1.49 5.22 -3.02
H8 DGP B . 1.17 4.46 0.79
HN1 DGP B . 3.29 -0.41 -2.86
HN21 DGP B . 3.60 0.37 -4.99
HN22 DGP B . 3.26 2.06 -5.34
C1 BER C . 5.55 0.01 1.91
C2 BER C . 5.62 -1.05 2.87
N1 BER C . 5.80 -0.29 0.55
C3 BER C . 5.20 1.34 2.25
C4 BER C . 5.99 -2.37 2.46
C5 BER C . 5.32 -0.83 4.25
C6 BER C . 5.94 0.75 -0.37
C7 BER C . 5.73 -1.66 0.05
C8 BER C . 5.21 2.35 1.29
C9 BER C . 6.07 -3.44 3.38
C10 BER C . 6.36 -2.66 1.02
C11 BER C . 5.41 -1.91 5.14
C12 BER C . 5.60 2.07 -0.04
C13 BER C . 4.85 3.67 1.64
C14 BER C . 5.77 -3.17 4.71
O1 BER C . 5.18 -1.91 6.48
C15 BER C . 5.62 3.10 -1.01
C16 BER C . 4.86 4.69 0.68
O2 BER C . 5.78 -4.03 5.76
C17 BER C . 5.38 -3.28 6.94
C18 BER C . 5.25 4.41 -0.65
O3 BER C . 5.97 2.77 -2.30
O4 BER C . 5.22 5.40 -1.62
C19 BER C . 7.16 3.34 -2.89
C20 BER C . 5.65 6.75 -1.36
H31 BER C . 4.95 1.60 3.27
H51 BER C . 5.03 0.13 4.67
H61 BER C . 6.25 0.49 -1.38
H71 BER C . 4.68 -1.91 -0.11
H72 BER C . 6.23 -1.74 -0.92
H91 BER C . 6.36 -4.44 3.09
H101 BER C . 7.45 -2.64 0.91
H102 BER C . 6.03 -3.67 0.76
H131 BER C . 4.55 3.89 2.66
H161 BER C . 4.54 5.69 0.95
H171 BER C . 6.17 -3.31 7.70
H172 BER C . 4.44 -3.68 7.34
H191 BER C . 8.04 3.16 -2.25
H192 BER C . 7.35 2.88 -3.87
H193 BER C . 7.05 4.43 -3.04
H201 BER C . 5.06 7.22 -0.57
H202 BER C . 6.72 6.77 -1.08
H203 BER C . 5.54 7.35 -2.27
C1 BER D . -6.41 -6.09 -0.38
C2 BER D . -5.96 -7.45 -0.27
N1 BER D . -6.24 -5.40 -1.60
C3 BER D . -6.96 -5.39 0.71
C4 BER D . -5.42 -8.11 -1.42
C5 BER D . -6.02 -8.16 0.97
C6 BER D . -6.70 -4.09 -1.72
C7 BER D . -5.43 -5.92 -2.71
C8 BER D . -7.36 -4.06 0.61
C9 BER D . -4.93 -9.43 -1.34
C10 BER D . -5.44 -7.46 -2.77
C11 BER D . -5.53 -9.47 1.00
C12 BER D . -7.21 -3.38 -0.62
C13 BER D . -7.90 -3.39 1.71
C14 BER D . -4.98 -10.08 -0.11
O1 BER D . -5.50 -10.33 2.06
C15 BER D . -7.57 -2.02 -0.75
C16 BER D . -8.28 -2.04 1.60
O2 BER D . -4.62 -11.36 0.18
C17 BER D . -4.97 -11.59 1.58
C18 BER D . -8.11 -1.35 0.38
O3 BER D . -7.31 -1.39 -1.95
O4 BER D . -8.45 -0.01 0.28
C19 BER D . -8.20 -0.48 -2.60
C20 BER D . -9.45 0.62 1.13
H31 BER D . -7.11 -5.87 1.67
H51 BER D . -6.41 -7.76 1.89
H61 BER D . -6.56 -3.60 -2.68
H71 BER D . -5.79 -5.52 -3.66
H72 BER D . -4.41 -5.56 -2.59
H91 BER D . -4.54 -9.95 -2.20
H101 BER D . -4.58 -7.79 -3.36
H102 BER D . -6.34 -7.79 -3.31
H131 BER D . -8.01 -3.90 2.66
H161 BER D . -8.68 -1.52 2.47
H171 BER D . -4.08 -11.89 2.15
H172 BER D . -5.73 -12.37 1.64
H191 BER D . -8.21 0.50 -2.10
H192 BER D . -7.90 -0.32 -3.64
H193 BER D . -9.22 -0.87 -2.60
H201 BER D . -9.11 0.69 2.16
H202 BER D . -9.64 1.64 0.78
H203 BER D . -10.40 0.07 1.10
P DGP B . 0.52 7.49 2.44
OP1 DGP B . -0.36 6.48 3.06
OP2 DGP B . 0.25 8.93 2.65
OP3 DGP B . 2.01 7.20 2.93
O5' DGP B . 0.60 7.20 0.85
C5' DGP B . 1.26 8.08 -0.05
C4' DGP B . 1.23 7.60 -1.51
O4' DGP B . 1.95 6.37 -1.61
C3' DGP B . -0.20 7.35 -2.02
O3' DGP B . -0.34 7.75 -3.39
C2' DGP B . -0.35 5.84 -1.91
C1' DGP B . 1.09 5.36 -2.11
N9 DGP B . 1.38 4.08 -1.40
C8 DGP B . 1.12 3.74 -0.10
N7 DGP B . 1.41 2.50 0.21
C5 DGP B . 1.90 1.98 -0.99
C6 DGP B . 2.38 0.67 -1.31
O6 DGP B . 2.46 -0.31 -0.58
N1 DGP B . 2.80 0.54 -2.62
C2 DGP B . 2.78 1.56 -3.52
N2 DGP B . 3.18 1.32 -4.73
N3 DGP B . 2.33 2.78 -3.26
C4 DGP B . 1.90 2.94 -1.97
HOP3 DGP B . 2.57 7.86 2.53
H5' DGP B . 2.30 8.21 0.26
H5'' DGP B . 0.77 9.06 0.00
H4' DGP B . 1.72 8.35 -2.12
H3' DGP B . -0.94 7.86 -1.40
HO3' DGP B . -0.34 8.73 -3.45
H2' DGP B . -0.72 5.59 -0.92
H2'' DGP B . -1.01 5.44 -2.67
H1' DGP B . 1.27 5.23 -3.18
H8 DGP B . 0.71 4.46 0.61
HN1 DGP B . 3.15 -0.38 -2.89
HN21 DGP B . 3.50 0.39 -5.02
HN22 DGP B . 3.16 2.07 -5.39
C1 BER C . 5.24 0.19 1.86
C2 BER C . 5.34 -0.84 2.85
N1 BER C . 5.54 -0.11 0.52
C3 BER C . 4.81 1.51 2.18
C4 BER C . 5.79 -2.15 2.46
C5 BER C . 5.01 -0.61 4.22
C6 BER C . 5.68 0.93 -0.40
C7 BER C . 5.53 -1.49 0.03
C8 BER C . 4.82 2.51 1.21
C9 BER C . 5.91 -3.19 3.40
C10 BER C . 6.18 -2.46 1.03
C11 BER C . 5.15 -1.68 5.12
C12 BER C . 5.27 2.23 -0.09
C13 BER C . 4.40 3.82 1.55
C14 BER C . 5.58 -2.92 4.72
O1 BER C . 4.92 -1.67 6.46
C15 BER C . 5.32 3.26 -1.06
C16 BER C . 4.45 4.84 0.58
O2 BER C . 5.63 -3.77 5.79
C17 BER C . 5.17 -3.02 6.94
C18 BER C . 4.92 4.58 -0.72
O3 BER C . 5.74 2.96 -2.34
O4 BER C . 4.98 5.57 -1.68
C19 BER C . 7.03 3.43 -2.82
C20 BER C . 5.19 6.96 -1.35
H31 BER C . 4.50 1.77 3.18
H51 BER C . 4.67 0.33 4.62
H61 BER C . 6.07 0.68 -1.40
H71 BER C . 4.49 -1.77 -0.15
H72 BER C . 6.05 -1.55 -0.93
H91 BER C . 6.26 -4.19 3.12
H101 BER C . 7.28 -2.40 0.93
H102 BER C . 5.89 -3.47 0.77
H131 BER C . 4.04 4.03 2.55
H161 BER C . 4.11 5.84 0.85
H171 BER C . 5.94 -3.00 7.73
H172 BER C . 4.24 -3.46 7.33
H191 BER C . 7.20 3.06 -3.84
H192 BER C . 7.06 4.52 -2.82
H193 BER C . 7.83 3.06 -2.17
H201 BER C . 5.31 7.55 -2.27
H202 BER C . 4.32 7.37 -0.80
H203 BER C . 6.09 7.09 -0.73
C1 BER D . -6.54 -6.29 -0.54
C2 BER D . -6.04 -7.61 -0.33
N1 BER D . -6.32 -5.63 -1.78
C3 BER D . -7.21 -5.57 0.48
C4 BER D . -5.41 -8.31 -1.40
C5 BER D . -6.12 -8.25 0.95
C6 BER D . -6.73 -4.31 -1.94
C7 BER D . -5.47 -6.20 -2.84
C8 BER D . -7.61 -4.23 0.30
C9 BER D . -4.86 -9.60 -1.22
C10 BER D . -5.37 -7.74 -2.81
C11 BER D . -5.58 -9.53 1.08
C12 BER D . -7.33 -3.58 -0.91
C13 BER D . -8.23 -3.55 1.35
C14 BER D . -4.98 -10.19 0.04
O1 BER D . -5.58 -10.33 2.19
C15 BER D . -7.64 -2.22 -1.06
C16 BER D . -8.57 -2.20 1.19
O2 BER D . -4.57 -11.42 0.43
C17 BER D . -5.00 -11.60 1.80
C18 BER D . -8.27 -1.51 -0.01
O3 BER D . -7.19 -1.56 -2.20
O4 BER D . -8.54 -0.16 -0.13
C19 BER D . -8.05 -0.81 -3.09
C20 BER D . -9.71 0.44 0.44
H31 BER D . -7.44 -6.02 1.43
H51 BER D . -6.57 -7.80 1.83
H61 BER D . -6.52 -3.84 -2.91
H71 BER D . -5.87 -5.91 -3.82
H72 BER D . -4.48 -5.75 -2.75
H91 BER D . -4.40 -10.15 -2.03
H101 BER D . -4.45 -8.03 -3.31
H102 BER D . -6.20 -8.16 -3.37
H131 BER D . -8.45 -4.06 2.29
H161 BER D . -9.04 -1.66 2.02
H171 BER D . -4.13 -11.84 2.44
H172 BER D . -5.74 -12.39 1.87
H191 BER D . -8.81 -1.47 -3.53
H192 BER D . -8.55 0.01 -2.57
H193 BER D . -7.45 -0.39 -3.91
H201 BER D . -9.81 1.48 0.11
H202 BER D . -10.62 -0.10 0.14
H203 BER D . -9.67 0.45 1.54
P DGP B . 1.29 7.02 2.74
OP1 DGP B . 2.57 7.72 2.97
OP2 DGP B . 1.03 5.72 3.39
OP3 DGP B . 0.10 8.01 3.17
O5' DGP B . 1.03 6.87 1.17
C5' DGP B . 1.34 7.91 0.26
C4' DGP B . 1.09 7.54 -1.22
O4' DGP B . 1.81 6.37 -1.57
C3' DGP B . -0.40 7.29 -1.53
O3' DGP B . -0.77 7.79 -2.81
C2' DGP B . -0.51 5.78 -1.52
C1' DGP B . 0.91 5.32 -1.90
N9 DGP B . 1.30 4.07 -1.21
C8 DGP B . 1.10 3.70 0.10
N7 DGP B . 1.42 2.47 0.37
C5 DGP B . 1.88 1.98 -0.86
C6 DGP B . 2.36 0.68 -1.24
O6 DGP B . 2.46 -0.32 -0.53
N1 DGP B . 2.75 0.58 -2.55
C2 DGP B . 2.70 1.63 -3.42
N2 DGP B . 3.10 1.44 -4.64
N3 DGP B . 2.24 2.85 -3.13
C4 DGP B . 1.84 2.96 -1.82
HOP3 DGP B . -0.72 7.57 2.95
H5' DGP B . 2.40 8.17 0.36
H5'' DGP B . 0.76 8.80 0.49
H4' DGP B . 1.45 8.38 -1.83
H3' DGP B . -1.04 7.73 -0.76
HO3' DGP B . -0.71 8.76 -2.82
H2' DGP B . -0.79 5.44 -0.52
H2'' DGP B . -1.25 5.41 -2.25
H1' DGP B . 0.93 5.16 -2.98
H8 DGP B . 0.71 4.39 0.84
HN1 DGP B . 3.11 -0.31 -2.86
HN21 DGP B . 3.43 0.54 -4.96
HN22 DGP B . 3.05 2.22 -5.28
C1 BER C . 5.18 0.14 2.05
C2 BER C . 5.29 -0.91 3.01
N1 BER C . 5.49 -0.11 0.69
C3 BER C . 4.75 1.45 2.39
C4 BER C . 5.73 -2.20 2.59
C5 BER C . 4.98 -0.71 4.39
C6 BER C . 5.61 0.94 -0.20
C7 BER C . 5.50 -1.48 0.17
C8 BER C . 4.73 2.48 1.44
C9 BER C . 5.85 -3.27 3.50
C10 BER C . 6.13 -2.48 1.15
C11 BER C . 5.13 -1.79 5.26
C12 BER C . 5.18 2.23 0.13
C13 BER C . 4.30 3.77 1.81
C14 BER C . 5.54 -3.03 4.83
O1 BER C . 4.92 -1.80 6.60
C15 BER C . 5.21 3.28 -0.81
C16 BER C . 4.33 4.81 0.86
O2 BER C . 5.60 -3.89 5.89
C17 BER C . 5.17 -3.16 7.06
C18 BER C . 4.80 4.58 -0.45
O3 BER C . 5.62 3.01 -2.10
O4 BER C . 4.90 5.59 -1.38
C19 BER C . 6.94 3.40 -2.53
C20 BER C . 5.11 6.96 -1.01
H31 BER C . 4.43 1.69 3.39
H51 BER C . 4.65 0.24 4.81
H61 BER C . 5.97 0.71 -1.21
H71 BER C . 4.47 -1.77 -0.05
H72 BER C . 6.06 -1.52 -0.77
H91 BER C . 6.20 -4.25 3.21
H101 BER C . 7.22 -2.46 1.07
H102 BER C . 5.81 -3.49 0.87
H131 BER C . 3.94 3.97 2.81
H161 BER C . 3.99 5.81 1.15
H171 BER C . 5.96 -3.17 7.84
H172 BER C . 4.25 -3.61 7.46
H191 BER C . 7.07 3.20 -3.59
H192 BER C . 7.10 4.48 -2.36
H193 BER C . 7.71 2.85 -1.98
H201 BER C . 5.95 7.06 -0.31
H202 BER C . 5.33 7.56 -1.91
H203 BER C . 4.21 7.39 -0.54
C1 BER D . -6.48 -6.18 -0.44
C2 BER D . -6.03 -7.53 -0.23
N1 BER D . -6.30 -5.57 -1.71
C3 BER D . -7.06 -5.41 0.59
C4 BER D . -5.45 -8.26 -1.32
C5 BER D . -6.12 -8.16 1.05
C6 BER D . -6.75 -4.27 -1.91
C7 BER D . -5.47 -6.16 -2.76
C8 BER D . -7.45 -4.08 0.40
C9 BER D . -4.98 -9.57 -1.14
C10 BER D . -5.40 -7.69 -2.72
C11 BER D . -5.65 -9.47 1.18
C12 BER D . -7.27 -3.49 -0.87
C13 BER D . -8.00 -3.34 1.44
C14 BER D . -5.09 -10.14 0.12
O1 BER D . -5.68 -10.26 2.28
C15 BER D . -7.65 -2.14 -1.09
C16 BER D . -8.39 -2.01 1.23
O2 BER D . -4.75 -11.40 0.50
C17 BER D . -5.14 -11.56 1.89
C18 BER D . -8.22 -1.40 -0.03
O3 BER D . -7.36 -1.60 -2.33
O4 BER D . -8.62 -0.09 -0.22
C19 BER D . -8.23 -0.72 -3.06
C20 BER D . -9.74 0.50 0.48
H31 BER D . -7.22 -5.83 1.58
H51 BER D . -6.55 -7.69 1.92
H61 BER D . -6.60 -3.84 -2.91
H71 BER D . -5.85 -5.86 -3.75
H72 BER D . -4.46 -5.73 -2.68
H91 BER D . -4.57 -10.15 -1.96
H101 BER D . -4.50 -8.02 -3.24
H102 BER D . -6.24 -8.10 -3.28
H131 BER D . -8.13 -3.80 2.42
H161 BER D . -8.81 -1.44 2.06
H171 BER D . -4.27 -11.82 2.51
H172 BER D . -5.92 -12.32 1.97
H191 BER D . -9.25 -1.13 -3.11
H192 BER D . -8.27 0.28 -2.61
H193 BER D . -7.86 -0.60 -4.09
H201 BER D . -9.47 0.74 1.51
H202 BER D . -10.04 1.42 -0.02
H203 BER D . -10.61 -0.18 0.49
P DGP B . 1.94 11.10 -1.41
OP1 DGP B . 3.32 11.12 -0.87
OP2 DGP B . 1.16 12.37 -1.42
OP3 DGP B . 2.01 10.57 -2.90
O5' DGP B . 1.08 9.99 -0.62
C5' DGP B . 1.56 8.68 -0.37
C4' DGP B . 1.32 7.70 -1.53
O4' DGP B . 1.87 6.43 -1.19
C3' DGP B . -0.18 7.47 -1.82
O3' DGP B . -0.45 7.64 -3.21
C2' DGP B . -0.40 6.02 -1.44
C1' DGP B . 1.00 5.43 -1.69
N9 DGP B . 1.24 4.13 -1.04
C8 DGP B . 0.94 3.73 0.25
N7 DGP B . 1.27 2.49 0.52
C5 DGP B . 1.78 2.02 -0.69
C6 DGP B . 2.28 0.72 -1.05
O6 DGP B . 2.36 -0.28 -0.36
N1 DGP B . 2.73 0.64 -2.36
C2 DGP B . 2.70 1.69 -3.22
N2 DGP B . 3.13 1.50 -4.44
N3 DGP B . 2.24 2.91 -2.93
C4 DGP B . 1.79 3.02 -1.64
HOP3 DGP B . 1.10 10.54 -3.23
H5' DGP B . 1.06 8.28 0.52
H5'' DGP B . 2.64 8.71 -0.14
H4' DGP B . 1.81 8.07 -2.42
H3' DGP B . -0.81 8.13 -1.22
HO3' DGP B . -0.78 8.55 -3.37
H2' DGP B . -0.67 5.95 -0.39
H2'' DGP B . -1.15 5.54 -2.06
H1' DGP B . 1.13 5.33 -2.77
H8 DGP B . 0.51 4.40 0.98
HN1 DGP B . 3.07 -0.26 -2.67
HN21 DGP B . 3.46 0.60 -4.75
HN22 DGP B . 3.10 2.28 -5.07
C1 BER C . 5.15 0.02 2.30
C2 BER C . 5.28 -1.08 3.19
N1 BER C . 5.41 -0.15 0.93
C3 BER C . 4.74 1.31 2.74
C4 BER C . 5.71 -2.35 2.69
C5 BER C . 4.99 -0.97 4.59
C6 BER C . 5.50 0.96 0.09
C7 BER C . 5.42 -1.48 0.33
C8 BER C . 4.70 2.40 1.87
C9 BER C . 5.85 -3.47 3.53
C10 BER C . 6.08 -2.53 1.22
C11 BER C . 5.14 -2.11 5.40
C12 BER C . 5.11 2.23 0.53
C13 BER C . 4.31 3.66 2.33
C14 BER C . 5.55 -3.32 4.88
O1 BER C . 4.93 -2.21 6.74
C15 BER C . 5.10 3.34 -0.35
C16 BER C . 4.32 4.77 1.46
O2 BER C . 5.62 -4.24 5.87
C17 BER C . 5.17 -3.60 7.09
C18 BER C . 4.73 4.62 0.12
O3 BER C . 5.46 3.14 -1.67
O4 BER C . 4.75 5.69 -0.75
C19 BER C . 6.70 3.65 -2.17
C20 BER C . 5.16 7.01 -0.32
H31 BER C . 4.47 1.49 3.77
H51 BER C . 4.66 -0.06 5.07
H61 BER C . 5.82 0.80 -0.94
H71 BER C . 4.37 -1.77 0.13
H72 BER C . 5.93 -1.46 -0.65
H91 BER C . 6.19 -4.44 3.17
H101 BER C . 7.17 -2.48 1.11
H102 BER C . 5.77 -3.52 0.89
H131 BER C . 4.01 3.79 3.37
H161 BER C . 4.01 5.75 1.83
H171 BER C . 5.93 -3.68 7.87
H172 BER C . 4.23 -4.06 7.43
H191 BER C . 6.76 4.74 -2.07
H192 BER C . 7.55 3.21 -1.63
H193 BER C . 6.81 3.40 -3.24
H201 BER C . 5.15 7.70 -1.19
H202 BER C . 4.46 7.42 0.42
H203 BER C . 6.16 6.99 0.09
C1 BER D . -6.63 -6.26 -0.36
C2 BER D . -6.14 -7.59 -0.16
N1 BER D . -6.43 -5.61 -1.60
C3 BER D . -7.27 -5.53 0.67
C4 BER D . -5.56 -8.31 -1.25
C5 BER D . -6.20 -8.23 1.11
C6 BER D . -6.85 -4.28 -1.77
C7 BER D . -5.63 -6.20 -2.68
C8 BER D . -7.66 -4.20 0.50
C9 BER D . -5.06 -9.61 -1.10
C10 BER D . -5.55 -7.73 -2.65
C11 BER D . -5.70 -9.53 1.24
C12 BER D . -7.42 -3.56 -0.72
C13 BER D . -8.26 -3.51 1.56
C14 BER D . -5.15 -10.20 0.17
O1 BER D . -5.70 -10.33 2.34
C15 BER D . -7.73 -2.19 -0.88
C16 BER D . -8.59 -2.15 1.41
O2 BER D . -4.78 -11.45 0.53
C17 BER D . -5.18 -11.63 1.93
C18 BER D . -8.33 -1.48 0.20
O3 BER D . -7.36 -1.58 -2.08
O4 BER D . -8.59 -0.13 0.12
C19 BER D . -8.02 -0.48 -2.71
C20 BER D . -9.93 0.37 0.30
H31 BER D . -7.47 -5.99 1.63
H51 BER D . -6.60 -7.77 2.01
H61 BER D . -6.65 -3.83 -2.74
H71 BER D . -6.04 -5.88 -3.64
H72 BER D . -4.62 -5.77 -2.63
H91 BER D . -4.65 -10.17 -1.93
H101 BER D . -4.65 -8.05 -3.19
H102 BER D . -6.40 -8.14 -3.21
H131 BER D . -8.45 -4.01 2.51
H161 BER D . -9.03 -1.61 2.25
H171 BER D . -4.32 -11.92 2.54
H172 BER D . -5.96 -12.38 1.99
H191 BER D . -7.90 0.44 -2.13
H192 BER D . -7.58 -0.29 -3.70
H193 BER D . -9.10 -0.69 -2.84
H201 BER D . -10.58 0.03 -0.51
H202 BER D . -10.36 0.04 1.25
H203 BER D . -9.92 1.47 0.30
P DGP B . 2.62 9.77 1.08
OP1 DGP B . 3.84 10.39 0.51
OP2 DGP B . 2.62 9.31 2.48
OP3 DGP B . 1.43 10.82 0.93
O5' DGP B . 2.13 8.57 0.15
C5' DGP B . 2.17 8.65 -1.28
C4' DGP B . 1.48 7.46 -1.96
O4' DGP B . 2.11 6.23 -1.61
C3' DGP B . 0.00 7.33 -1.59
O3' DGP B . -0.84 7.66 -2.70
C2' DGP B . -0.15 5.86 -1.21
C1' DGP B . 1.13 5.22 -1.76
N9 DGP B . 1.52 3.97 -1.06
C8 DGP B . 1.35 3.61 0.26
N7 DGP B . 1.70 2.38 0.53
C5 DGP B . 2.14 1.88 -0.69
C6 DGP B . 2.64 0.59 -1.05
O6 DGP B . 2.77 -0.40 -0.35
N1 DGP B . 3.01 0.49 -2.38
C2 DGP B . 2.92 1.52 -3.27
N2 DGP B . 3.29 1.31 -4.50
N3 DGP B . 2.44 2.73 -2.98
C4 DGP B . 2.06 2.85 -1.67
HOP3 DGP B . 0.63 10.37 1.24
H5' DGP B . 3.20 8.71 -1.62
H5'' DGP B . 1.66 9.57 -1.60
H4' DGP B . 1.57 7.59 -3.05
H3' DGP B . -0.24 7.96 -0.73
HO3' DGP B . -1.77 7.65 -2.40
H2' DGP B . -0.22 5.78 -0.13
H2'' DGP B . -1.03 5.41 -1.67
H1' DGP B . 0.99 5.01 -2.82
H8 DGP B . 0.96 4.30 1.00
HN1 DGP B . 3.36 -0.41 -2.69
HN21 DGP B . 3.62 0.41 -4.81
HN22 DGP B . 3.20 2.07 -5.15
C1 BER C . 5.55 -0.12 2.12
C2 BER C . 5.66 -1.19 3.06
N1 BER C . 5.81 -0.36 0.76
C3 BER C . 5.15 1.18 2.51
C4 BER C . 6.08 -2.48 2.61
C5 BER C . 5.38 -1.01 4.45
C6 BER C . 5.92 0.72 -0.13
C7 BER C . 5.80 -1.72 0.22
C8 BER C . 5.13 2.24 1.59
C9 BER C . 6.21 -3.57 3.51
C10 BER C . 6.44 -2.73 1.17
C11 BER C . 5.52 -2.11 5.31
C12 BER C . 5.53 2.02 0.25
C13 BER C . 4.74 3.52 1.99
C14 BER C . 5.91 -3.35 4.86
O1 BER C . 5.31 -2.15 6.65
C15 BER C . 5.54 3.07 -0.67
C16 BER C . 4.75 4.59 1.07
O2 BER C . 5.97 -4.24 5.88
C17 BER C . 5.55 -3.52 7.08
C18 BER C . 5.16 4.36 -0.27
O3 BER C . 5.90 2.82 -1.98
O4 BER C . 5.20 5.40 -1.18
C19 BER C . 7.20 3.23 -2.45
C20 BER C . 5.31 6.79 -0.80
H31 BER C . 4.87 1.41 3.53
H51 BER C . 5.06 -0.08 4.90
H61 BER C . 6.24 0.49 -1.15
H71 BER C . 4.75 -1.98 0.03
H72 BER C . 6.31 -1.74 -0.75
H91 BER C . 6.53 -4.55 3.19
H101 BER C . 7.53 -2.71 1.05
H102 BER C . 6.11 -3.74 0.86
H131 BER C . 4.43 3.71 3.02
H161 BER C . 4.45 5.58 1.39
H171 BER C . 6.33 -3.55 7.84
H172 BER C . 4.62 -3.96 7.47
H191 BER C . 7.99 2.72 -1.89
H192 BER C . 7.32 2.96 -3.50
H193 BER C . 7.33 4.31 -2.35
H201 BER C . 6.18 6.96 -0.16
H202 BER C . 5.41 7.42 -1.69
H203 BER C . 4.40 7.12 -0.26
C1 BER D . -6.27 -6.13 -0.38
C2 BER D . -5.80 -7.49 -0.29
N1 BER D . -6.12 -5.42 -1.59
C3 BER D . -6.85 -5.46 0.72
C4 BER D . -5.27 -8.14 -1.46
C5 BER D . -5.83 -8.21 0.93
C6 BER D . -6.63 -4.13 -1.71
C7 BER D . -5.28 -5.93 -2.70
C8 BER D . -7.31 -4.14 0.60
C9 BER D . -4.77 -9.45 -1.40
C10 BER D . -5.30 -7.45 -2.81
C11 BER D . -5.33 -9.52 0.96
C12 BER D . -7.18 -3.46 -0.61
C13 BER D . -7.88 -3.50 1.71
C14 BER D . -4.81 -10.12 -0.18
O1 BER D . -5.27 -10.37 2.00
C15 BER D . -7.62 -2.13 -0.73
C16 BER D . -8.35 -2.18 1.59
O2 BER D . -4.40 -11.38 0.10
C17 BER D . -4.73 -11.63 1.50
C18 BER D . -8.21 -1.48 0.38
O3 BER D . -7.38 -1.42 -1.90
O4 BER D . -8.62 -0.18 0.24
C19 BER D . -8.46 -1.15 -2.81
C20 BER D . -9.59 0.43 1.13
H31 BER D . -6.97 -5.96 1.67
H51 BER D . -6.21 -7.82 1.87
H61 BER D . -6.52 -3.65 -2.67
H71 BER D . -5.60 -5.49 -3.65
H72 BER D . -4.25 -5.58 -2.52
H91 BER D . -4.38 -9.96 -2.28
H101 BER D . -4.44 -7.78 -3.40
H102 BER D . -6.20 -7.77 -3.35
H131 BER D . -7.99 -4.04 2.65
H161 BER D . -8.80 -1.70 2.48
H171 BER D . -3.81 -11.91 2.06
H172 BER D . -5.47 -12.43 1.57
H191 BER D . -8.97 -2.06 -3.12
H192 BER D . -9.17 -0.46 -2.33
H193 BER D . -8.06 -0.65 -3.71
H201 BER D . -10.52 -0.16 1.19
H202 BER D . -9.22 0.54 2.15
H203 BER D . -9.88 1.42 0.79
P DGP B . 1.64 7.77 2.80
OP1 DGP B . 0.51 7.52 3.72
OP2 DGP B . 2.50 8.95 2.99
OP3 DGP B . 2.56 6.47 2.80
O5' DGP B . 1.08 7.74 1.28
C5' DGP B . 1.79 8.33 0.19
C4' DGP B . 1.64 7.53 -1.10
O4' DGP B . 2.33 6.30 -0.96
C3' DGP B . 0.17 7.22 -1.45
O3' DGP B . -0.12 7.55 -2.81
C2' DGP B . 0.08 5.71 -1.25
C1' DGP B . 1.52 5.28 -1.51
N9 DGP B . 1.84 3.95 -0.90
C8 DGP B . 1.65 3.56 0.40
N7 DGP B . 1.91 2.30 0.62
C5 DGP B . 2.29 1.82 -0.65
C6 DGP B . 2.69 0.52 -1.08
O6 DGP B . 2.77 -0.51 -0.42
N1 DGP B . 3.04 0.45 -2.42
C2 DGP B . 3.00 1.53 -3.25
N2 DGP B . 3.34 1.36 -4.50
N3 DGP B . 2.61 2.76 -2.90
C4 DGP B . 2.27 2.84 -1.58
HOP3 DGP B . 3.14 6.55 2.04
H5' DGP B . 2.85 8.40 0.42
H5'' DGP B . 1.42 9.35 0.04
H4' DGP B . 2.08 8.11 -1.92
H3' DGP B . -0.51 7.73 -0.78
HO3' DGP B . -1.09 7.46 -2.95
H2' DGP B . -0.21 5.50 -0.22
H2'' DGP B . -0.60 5.24 -1.95
H1' DGP B . 1.68 5.22 -2.59
H8 DGP B . 1.33 4.25 1.17
HN1 DGP B . 3.35 -0.44 -2.76
HN21 DGP B . 3.63 0.46 -4.86
HN22 DGP B . 3.30 2.17 -5.10
C1 BER C . 5.64 -0.08 2.02
C2 BER C . 5.74 -1.11 2.99
N1 BER C . 5.87 -0.39 0.66
C3 BER C . 5.31 1.25 2.34
C4 BER C . 6.14 -2.43 2.59
C5 BER C . 5.49 -0.88 4.38
C6 BER C . 5.99 0.64 -0.28
C7 BER C . 5.80 -1.78 0.18
C8 BER C . 5.32 2.26 1.38
C9 BER C . 6.27 -3.48 3.53
C10 BER C . 6.46 -2.75 1.15
C11 BER C . 5.62 -1.94 5.28
C12 BER C . 5.67 1.96 0.06
C13 BER C . 5.01 3.58 1.73
C14 BER C . 6.01 -3.20 4.88
O1 BER C . 5.43 -1.93 6.62
C15 BER C . 5.71 2.98 -0.92
C16 BER C . 5.05 4.61 0.77
O2 BER C . 6.06 -4.05 5.93
C17 BER C . 5.70 -3.27 7.11
C18 BER C . 5.39 4.31 -0.57
O3 BER C . 6.02 2.65 -2.23
O4 BER C . 5.42 5.29 -1.54
C19 BER C . 7.30 3.04 -2.78
C20 BER C . 5.63 6.69 -1.25
H31 BER C . 5.07 1.53 3.36
H51 BER C . 5.17 0.08 4.78
H61 BER C . 6.28 0.36 -1.30
H71 BER C . 4.74 -2.03 0.05
H72 BER C . 6.27 -1.86 -0.81
H91 BER C . 6.58 -4.48 3.24
H101 BER C . 7.56 -2.73 1.01
H102 BER C . 6.13 -3.76 0.91
H131 BER C . 4.73 3.82 2.76
H161 BER C . 4.80 5.63 1.05
H171 BER C . 6.52 -3.26 7.84
H172 BER C . 4.80 -3.71 7.57
H191 BER C . 7.37 2.69 -3.82
H192 BER C . 7.41 4.13 -2.78
H193 BER C . 8.12 2.60 -2.21
H201 BER C . 5.68 7.27 -2.18
H202 BER C . 4.81 7.10 -0.65
H203 BER C . 6.57 6.84 -0.71
C1 BER D . -6.29 -6.02 -0.31
C2 BER D . -5.86 -7.37 -0.18
N1 BER D . -6.13 -5.33 -1.54
C3 BER D . -6.84 -5.32 0.78
C4 BER D . -5.36 -8.07 -1.34
C5 BER D . -5.90 -8.08 1.06
C6 BER D . -6.59 -4.02 -1.66
C7 BER D . -5.35 -5.89 -2.64
C8 BER D . -7.25 -3.98 0.66
C9 BER D . -4.92 -9.40 -1.27
C10 BER D . -5.38 -7.42 -2.71
C11 BER D . -5.46 -9.40 1.10
C12 BER D . -7.11 -3.32 -0.57
C13 BER D . -7.79 -3.30 1.77
C14 BER D . -4.97 -10.04 -0.02
O1 BER D . -5.42 -10.24 2.16
C15 BER D . -7.50 -1.96 -0.69
C16 BER D . -8.20 -1.96 1.64
O2 BER D . -4.62 -11.31 0.27
C17 BER D . -4.94 -11.52 1.68
C18 BER D . -8.05 -1.28 0.42
O3 BER D . -7.25 -1.30 -1.87
O4 BER D . -8.42 0.04 0.29
C19 BER D . -8.32 -0.93 -2.75
C20 BER D . -9.34 0.70 1.18
H31 BER D . -6.98 -5.78 1.75
H51 BER D . -6.25 -7.65 1.99
H61 BER D . -6.47 -3.54 -2.63
H71 BER D . -5.73 -5.49 -3.59
H72 BER D . -4.32 -5.53 -2.56
H91 BER D . -4.56 -9.93 -2.13
H101 BER D . -4.51 -7.76 -3.28
H102 BER D . -6.28 -7.75 -3.25
H131 BER D . -7.90 -3.82 2.72
H161 BER D . -8.62 -1.45 2.51
H171 BER D . -4.04 -11.84 2.23
H172 BER D . -5.72 -12.29 1.78
H191 BER D . -7.92 -0.44 -3.65
H192 BER D . -8.89 -1.81 -3.07
H193 BER D . -9.01 -0.23 -2.26
H201 BER D . -10.30 0.15 1.23
H202 BER D . -8.93 0.79 2.19
H203 BER D . -9.56 1.71 0.82
P DGP B . 1.88 8.24 2.43
OP1 DGP B . 3.19 8.94 2.38
OP2 DGP B . 1.62 7.25 3.50
OP3 DGP B . 0.74 9.35 2.53
O5' DGP B . 1.58 7.55 1.01
C5' DGP B . 1.84 8.22 -0.22
C4' DGP B . 1.44 7.39 -1.45
O4' DGP B . 2.16 6.16 -1.44
C3' DGP B . -0.07 7.06 -1.47
O3' DGP B . -0.67 7.46 -2.69
C2' DGP B . -0.11 5.55 -1.33
C1' DGP B . 1.29 5.10 -1.78
N9 DGP B . 1.71 3.84 -1.12
C8 DGP B . 1.59 3.49 0.20
N7 DGP B . 1.89 2.26 0.46
C5 DGP B . 2.27 1.74 -0.79
C6 DGP B . 2.70 0.44 -1.17
O6 DGP B . 2.82 -0.57 -0.46
N1 DGP B . 3.03 0.32 -2.51
C2 DGP B . 2.95 1.36 -3.38
N2 DGP B . 3.28 1.14 -4.63
N3 DGP B . 2.52 2.58 -3.08
C4 DGP B . 2.20 2.72 -1.76
HOP3 DGP B . -0.09 8.89 2.49
H5' DGP B . 2.90 8.46 -0.29
H5'' DGP B . 1.29 9.17 -0.25
H4' DGP B . 1.69 7.95 -2.34
H3' DGP B . -0.57 7.53 -0.62
HO3' DGP B . -1.63 7.28 -2.64
H2' DGP B . -0.28 5.29 -0.28
H2'' DGP B . -0.88 5.10 -1.95
H1' DGP B . 1.28 4.97 -2.86
H8 DGP B . 1.26 4.19 0.96
HN1 DGP B . 3.35 -0.59 -2.83
HN21 DGP B . 3.58 0.22 -4.95
HN22 DGP B . 3.20 1.91 -5.27
C1 BER C . 5.62 -0.13 2.20
C2 BER C . 5.72 -1.20 3.15
N1 BER C . 5.83 -0.39 0.83
C3 BER C . 5.27 1.19 2.58
C4 BER C . 6.11 -2.49 2.71
C5 BER C . 5.45 -1.01 4.54
C6 BER C . 5.88 0.66 -0.09
C7 BER C . 5.80 -1.76 0.31
C8 BER C . 5.22 2.23 1.63
C9 BER C . 6.21 -3.58 3.60
C10 BER C . 6.45 -2.76 1.26
C11 BER C . 5.58 -2.10 5.40
C12 BER C . 5.53 1.97 0.29
C13 BER C . 4.89 3.53 2.03
C14 BER C . 5.94 -3.35 4.95
O1 BER C . 5.38 -2.13 6.75
C15 BER C . 5.51 3.00 -0.66
C16 BER C . 4.85 4.58 1.07
O2 BER C . 5.99 -4.23 5.97
C17 BER C . 5.61 -3.51 7.18
C18 BER C . 5.16 4.31 -0.27
O3 BER C . 5.82 2.71 -1.98
O4 BER C . 5.11 5.32 -1.21
C19 BER C . 6.89 3.37 -2.67
C20 BER C . 5.42 6.69 -0.92
H31 BER C . 5.06 1.45 3.60
H51 BER C . 5.16 -0.06 4.99
H61 BER C . 6.14 0.40 -1.11
H71 BER C . 4.75 -2.04 0.15
H72 BER C . 6.30 -1.80 -0.66
H91 BER C . 6.52 -4.57 3.28
H101 BER C . 7.54 -2.74 1.13
H102 BER C . 6.12 -3.77 0.98
H131 BER C . 4.64 3.75 3.07
H161 BER C . 4.56 5.58 1.39
H171 BER C . 6.41 -3.55 7.93
H172 BER C . 4.68 -3.93 7.59
H191 BER C . 7.83 3.28 -2.11
H192 BER C . 7.04 2.93 -3.67
H193 BER C . 6.67 4.44 -2.81
H201 BER C . 5.43 7.28 -1.84
H202 BER C . 4.69 7.13 -0.24
H203 BER C . 6.42 6.77 -0.46
C1 BER D . -6.37 -6.12 -0.27
C2 BER D . -5.91 -7.47 -0.17
N1 BER D . -6.16 -5.38 -1.46
C3 BER D . -7.00 -5.46 0.82
C4 BER D . -5.35 -8.10 -1.33
C5 BER D . -5.97 -8.20 1.04
C6 BER D . -6.59 -4.05 -1.54
C7 BER D . -5.36 -5.89 -2.58
C8 BER D . -7.40 -4.12 0.74
C9 BER D . -4.86 -9.42 -1.28
C10 BER D . -5.36 -7.41 -2.68
C11 BER D . -5.47 -9.51 1.06
C12 BER D . -7.18 -3.40 -0.44
C13 BER D . -8.01 -3.51 1.84
C14 BER D . -4.93 -10.10 -0.06
O1 BER D . -5.44 -10.38 2.10
C15 BER D . -7.53 -2.03 -0.50
C16 BER D . -8.39 -2.15 1.78
O2 BER D . -4.53 -11.37 0.21
C17 BER D . -4.90 -11.64 1.59
C18 BER D . -8.15 -1.41 0.59
O3 BER D . -7.18 -1.27 -1.60
O4 BER D . -8.50 -0.07 0.51
C19 BER D . -8.09 -1.10 -2.70
C20 BER D . -9.44 0.57 1.39
H31 BER D . -7.19 -5.99 1.74
H51 BER D . -6.36 -7.82 1.98
H61 BER D . -6.42 -3.53 -2.47
H71 BER D . -5.74 -5.47 -3.52
H72 BER D . -4.34 -5.51 -2.47
H91 BER D . -4.45 -9.92 -2.15
H101 BER D . -4.49 -7.73 -3.26
H102 BER D . -6.24 -7.74 -3.24
H131 BER D . -8.19 -4.07 2.76
H161 BER D . -8.87 -1.69 2.63
H171 BER D . -4.03 -11.95 2.18
H172 BER D . -5.68 -12.42 1.63
H191 BER D . -9.10 -0.89 -2.34
H192 BER D . -7.77 -0.26 -3.33
H193 BER D . -8.12 -2.01 -3.33
H201 BER D . -9.65 1.59 1.03
H202 BER D . -10.39 0.01 1.44
H203 BER D . -9.03 0.64 2.41
P DGP B . 1.01 11.41 -0.07
OP1 DGP B . 0.77 11.07 1.35
OP2 DGP B . 0.24 12.48 -0.72
OP3 DGP B . 2.56 11.79 -0.22
O5' DGP B . 0.91 10.07 -0.96
C5' DGP B . 1.39 8.82 -0.50
C4' DGP B . 1.35 7.76 -1.61
O4' DGP B . 1.89 6.54 -1.13
C3' DGP B . -0.06 7.45 -2.13
O3' DGP B . -0.16 7.68 -3.54
C2' DGP B . -0.24 5.96 -1.85
C1' DGP B . 1.21 5.49 -1.81
N9 DGP B . 1.41 4.19 -1.14
C8 DGP B . 1.10 3.84 0.16
N7 DGP B . 1.35 2.60 0.45
C5 DGP B . 1.85 2.07 -0.75
C6 DGP B . 2.30 0.75 -1.10
O6 DGP B . 2.34 -0.25 -0.38
N1 DGP B . 2.74 0.63 -2.40
C2 DGP B . 2.75 1.66 -3.28
N2 DGP B . 3.17 1.43 -4.49
N3 DGP B . 2.33 2.90 -3.01
C4 DGP B . 1.90 3.05 -1.72
HOP3 DGP B . 3.07 11.02 0.07
H5' DGP B . 0.78 8.47 0.34
H5'' DGP B . 2.43 8.92 -0.16
H4' DGP B . 1.97 8.12 -2.44
H3' DGP B . -0.81 8.04 -1.60
HO3' DGP B . -0.97 8.20 -3.71
H2' DGP B . -0.71 5.83 -0.87
H2'' DGP B . -0.80 5.46 -2.63
H1' DGP B . 1.58 5.43 -2.84
H8 DGP B . 0.69 4.55 0.87
HN1 DGP B . 3.08 -0.28 -2.68
HN21 DGP B . 3.49 0.52 -4.79
HN22 DGP B . 3.17 2.21 -5.14
C1 BER C . 5.16 0.10 2.24
C2 BER C . 5.26 -0.98 3.16
N1 BER C . 5.43 -0.11 0.88
C3 BER C . 4.76 1.40 2.64
C4 BER C . 5.68 -2.26 2.69
C5 BER C . 4.96 -0.84 4.54
C6 BER C . 5.57 0.98 0.01
C7 BER C . 5.40 -1.46 0.31
C8 BER C . 4.75 2.47 1.73
C9 BER C . 5.80 -3.37 3.56
C10 BER C . 6.05 -2.49 1.23
C11 BER C . 5.09 -1.95 5.38
C12 BER C . 5.17 2.27 0.40
C13 BER C . 4.35 3.75 2.16
C14 BER C . 5.49 -3.18 4.90
O1 BER C . 4.88 -2.02 6.73
C15 BER C . 5.21 3.35 -0.49
C16 BER C . 4.39 4.83 1.26
O2 BER C . 5.54 -4.08 5.91
C17 BER C . 5.10 -3.40 7.13
C18 BER C . 4.83 4.64 -0.06
O3 BER C . 5.61 3.13 -1.80
O4 BER C . 4.88 5.69 -0.96
C19 BER C . 6.90 3.58 -2.23
C20 BER C . 5.09 7.06 -0.55
H31 BER C . 4.46 1.61 3.66
H51 BER C . 4.64 0.09 5.01
H61 BER C . 5.92 0.78 -1.00
H71 BER C . 4.35 -1.73 0.13
H72 BER C . 5.91 -1.47 -0.67
H91 BER C . 6.13 -4.35 3.22
H101 BER C . 7.14 -2.45 1.12
H102 BER C . 5.74 -3.49 0.91
H131 BER C . 4.02 3.91 3.19
H161 BER C . 4.08 5.82 1.60
H171 BER C . 5.86 -3.46 7.91
H172 BER C . 4.14 -3.84 7.47
H191 BER C . 7.70 3.11 -1.64
H192 BER C . 7.05 3.32 -3.29
H193 BER C . 7.00 4.67 -2.13
H201 BER C . 4.24 7.43 0.05
H202 BER C . 6.01 7.16 0.04
H203 BER C . 5.18 7.71 -1.43
C1 BER D . -6.55 -6.36 -0.43
C2 BER D . -6.07 -7.69 -0.22
N1 BER D . -6.33 -5.72 -1.67
C3 BER D . -7.20 -5.62 0.59
C4 BER D . -5.49 -8.42 -1.31
C5 BER D . -6.16 -8.33 1.06
C6 BER D . -6.73 -4.39 -1.86
C7 BER D . -5.52 -6.31 -2.75
C8 BER D . -7.59 -4.29 0.40
C9 BER D . -4.99 -9.72 -1.13
C10 BER D . -5.45 -7.84 -2.71
C11 BER D . -5.66 -9.63 1.18
C12 BER D . -7.33 -3.66 -0.83
C13 BER D . -8.22 -3.59 1.44
C14 BER D . -5.09 -10.31 0.13
O1 BER D . -5.67 -10.42 2.29
C15 BER D . -7.65 -2.29 -1.00
C16 BER D . -8.58 -2.24 1.26
O2 BER D . -4.71 -11.55 0.50
C17 BER D . -5.11 -11.71 1.89
C18 BER D . -8.29 -1.58 0.05
O3 BER D . -7.22 -1.67 -2.16
O4 BER D . -8.60 -0.24 -0.11
C19 BER D . -8.06 -0.88 -3.02
C20 BER D . -9.79 0.34 0.47
H31 BER D . -7.42 -6.07 1.55
H51 BER D . -6.58 -7.87 1.94
H61 BER D . -6.53 -3.94 -2.82
H71 BER D . -5.93 -6.00 -3.71
H72 BER D . -4.52 -5.88 -2.68
H91 BER D . -4.56 -10.29 -1.96
H101 BER D . -4.54 -8.17 -3.22
H102 BER D . -6.30 -8.25 -3.27
H131 BER D . -8.43 -4.08 2.39
H161 BER D . -9.05 -1.70 2.07
H171 BER D . -4.24 -11.96 2.52
H172 BER D . -5.88 -12.49 1.98
H191 BER D . -7.50 -0.58 -3.92
H192 BER D . -8.94 -1.46 -3.35
H193 BER D . -8.41 0.03 -2.53
H201 BER D . -10.68 -0.23 0.19
H202 BER D . -9.71 0.39 1.56
H203 BER D . -9.91 1.37 0.10
P DGP B . 1.24 11.20 -0.16
OP1 DGP B . 1.01 10.87 1.26
OP2 DGP B . 0.52 12.33 -0.79
OP3 DGP B . 2.80 11.48 -0.35
O5' DGP B . 1.02 9.89 -1.07
C5' DGP B . 1.50 8.61 -0.66
C4' DGP B . 1.36 7.57 -1.78
O4' DGP B . 1.89 6.33 -1.36
C3' DGP B . -0.11 7.32 -2.18
O3' DGP B . -0.32 7.62 -3.57
C2' DGP B . -0.29 5.83 -1.94
C1' DGP B . 1.14 5.31 -2.01
N9 DGP B . 1.35 4.00 -1.34
C8 DGP B . 1.06 3.65 -0.04
N7 DGP B . 1.34 2.40 0.25
C5 DGP B . 1.83 1.89 -0.95
C6 DGP B . 2.30 0.58 -1.28
O6 DGP B . 2.38 -0.41 -0.56
N1 DGP B . 2.73 0.45 -2.60
C2 DGP B . 2.71 1.48 -3.48
N2 DGP B . 3.11 1.24 -4.71
N3 DGP B . 2.27 2.71 -3.22
C4 DGP B . 1.85 2.86 -1.93
HOP3 DGP B . 2.95 11.61 -1.30
H5' DGP B . 0.95 8.28 0.23
H5'' DGP B . 2.56 8.69 -0.39
H4' DGP B . 1.91 7.92 -2.65
H3' DGP B . -0.81 7.90 -1.56
HO3' DGP B . -0.26 8.58 -3.70
H2' DGP B . -0.72 5.67 -0.96
H2'' DGP B . -0.92 5.36 -2.71
H1' DGP B . 1.44 5.24 -3.06
H8 DGP B . 0.65 4.36 0.67
HN1 DGP B . 3.06 -0.45 -2.88
HN21 DGP B . 3.41 0.32 -5.00
HN22 DGP B . 3.08 2.01 -5.36
C1 BER C . 5.20 0.14 1.95
C2 BER C . 5.34 -0.89 2.94
N1 BER C . 5.48 -0.16 0.61
C3 BER C . 4.77 1.45 2.27
C4 BER C . 5.78 -2.19 2.55
C5 BER C . 5.05 -0.65 4.32
C6 BER C . 5.61 0.88 -0.32
C7 BER C . 5.48 -1.54 0.13
C8 BER C . 4.76 2.46 1.31
C9 BER C . 5.95 -3.23 3.50
C10 BER C . 6.14 -2.50 1.11
C11 BER C . 5.22 -1.70 5.23
C12 BER C . 5.20 2.18 0.01
C13 BER C . 4.35 3.76 1.65
C14 BER C . 5.65 -2.96 4.83
O1 BER C . 5.03 -1.69 6.57
C15 BER C . 5.24 3.21 -0.97
C16 BER C . 4.39 4.79 0.70
O2 BER C . 5.75 -3.79 5.89
C17 BER C . 5.29 -3.04 7.06
C18 BER C . 4.85 4.52 -0.61
O3 BER C . 5.65 2.89 -2.25
O4 BER C . 4.92 5.54 -1.55
C19 BER C . 6.80 3.52 -2.86
C20 BER C . 5.17 6.91 -1.20
H31 BER C . 4.47 1.71 3.28
H51 BER C . 4.71 0.29 4.73
H61 BER C . 5.98 0.63 -1.31
H71 BER C . 4.43 -1.84 -0.04
H72 BER C . 5.99 -1.61 -0.84
H91 BER C . 6.29 -4.22 3.21
H101 BER C . 7.24 -2.46 0.99
H102 BER C . 5.84 -3.52 0.86
H131 BER C . 4.00 3.96 2.67
H161 BER C . 4.07 5.78 0.97
H171 BER C . 6.07 -3.02 7.84
H172 BER C . 4.37 -3.49 7.45
H191 BER C . 7.04 3.01 -3.81
H192 BER C . 6.61 4.57 -3.07
H193 BER C . 7.68 3.44 -2.20
H201 BER C . 5.34 7.51 -2.10
H202 BER C . 4.33 7.33 -0.64
H203 BER C . 6.07 6.99 -0.58
C1 BER D . -6.49 -6.16 -0.28
C2 BER D . -6.03 -7.51 -0.11
N1 BER D . -6.35 -5.53 -1.54
C3 BER D . -7.07 -5.42 0.78
C4 BER D . -5.51 -8.24 -1.23
C5 BER D . -6.06 -8.15 1.17
C6 BER D . -6.86 -4.24 -1.73
C7 BER D . -5.52 -6.11 -2.61
C8 BER D . -7.52 -4.11 0.59
C9 BER D . -5.03 -9.55 -1.09
C10 BER D . -5.53 -7.63 -2.62
C11 BER D . -5.57 -9.47 1.26
C12 BER D . -7.39 -3.50 -0.67
C13 BER D . -8.07 -3.39 1.67
C14 BER D . -5.07 -10.13 0.17
O1 BER D . -5.52 -10.26 2.36
C15 BER D . -7.78 -2.16 -0.85
C16 BER D . -8.48 -2.06 1.48
O2 BER D . -4.69 -11.39 0.51
C17 BER D . -5.01 -11.56 1.93
C18 BER D . -8.33 -1.44 0.23
O3 BER D . -7.52 -1.54 -2.06
O4 BER D . -8.65 -0.09 0.08
C19 BER D . -8.57 -1.02 -2.89
C20 BER D . -9.80 0.52 0.69
H31 BER D . -7.19 -5.86 1.76
H51 BER D . -6.41 -7.69 2.08
H61 BER D . -6.74 -3.81 -2.72
H71 BER D . -5.87 -5.74 -3.58
H72 BER D . -4.50 -5.73 -2.48
H91 BER D . -4.65 -10.11 -1.95
H101 BER D . -4.66 -7.99 -3.19
H102 BER D . -6.42 -7.99 -3.15
H131 BER D . -8.18 -3.87 2.64
H161 BER D . -8.89 -1.51 2.33
H171 BER D . -4.10 -11.83 2.49
H172 BER D . -5.78 -12.32 2.05
H191 BER D . -9.30 -1.81 -3.14
H192 BER D . -9.11 -0.21 -2.38
H193 BER D . -8.17 -0.63 -3.82
H201 BER D . -9.76 0.48 1.78
H202 BER D . -9.86 1.57 0.39
H203 BER D . -10.72 0.02 0.36
P DGP B . 1.52 7.22 2.84
OP1 DGP B . 2.87 7.77 3.12
OP2 DGP B . 1.07 6.02 3.57
OP3 DGP B . 0.45 8.37 3.10
O5' DGP B . 1.37 6.95 1.26
C5' DGP B . 1.84 7.89 0.30
C4' DGP B . 1.60 7.43 -1.15
O4' DGP B . 2.30 6.22 -1.39
C3' DGP B . 0.10 7.20 -1.46
O3' DGP B . -0.30 7.84 -2.66
C2' DGP B . -0.02 5.69 -1.61
C1' DGP B . 1.42 5.22 -1.87
N9 DGP B . 1.69 3.93 -1.20
C8 DGP B . 1.48 3.61 0.12
N7 DGP B . 1.67 2.35 0.41
C5 DGP B . 2.06 1.80 -0.82
C6 DGP B . 2.41 0.45 -1.18
O6 DGP B . 2.43 -0.54 -0.45
N1 DGP B . 2.78 0.30 -2.49
C2 DGP B . 2.79 1.33 -3.39
N2 DGP B . 3.14 1.06 -4.62
N3 DGP B . 2.44 2.57 -3.11
C4 DGP B . 2.09 2.76 -1.80
HOP3 DGP B . -0.40 8.01 2.87
H5' DGP B . 2.91 8.05 0.43
H5'' DGP B . 1.33 8.85 0.45
H4' DGP B . 1.97 8.21 -1.82
H3' DGP B . -0.53 7.54 -0.63
HO3' DGP B . -1.26 7.63 -2.80
H2' DGP B . -0.42 5.27 -0.69
H2'' DGP B . -0.65 5.41 -2.45
H1' DGP B . 1.56 5.10 -2.95
H8 DGP B . 1.18 4.35 0.86
HN1 DGP B . 3.06 -0.63 -2.78
HN21 DGP B . 3.43 0.13 -4.90
HN22 DGP B . 3.15 1.81 -5.27
C1 BER C . 5.26 0.11 1.97
C2 BER C . 5.31 -0.88 3.00
N1 BER C . 5.55 -0.25 0.64
C3 BER C . 4.92 1.46 2.23
C4 BER C . 5.74 -2.21 2.67
C5 BER C . 4.98 -0.59 4.35
C6 BER C . 5.74 0.74 -0.32
C7 BER C . 5.50 -1.65 0.21
C8 BER C . 4.98 2.44 1.23
C9 BER C . 5.82 -3.23 3.65
C10 BER C . 6.13 -2.58 1.25
C11 BER C . 5.07 -1.63 5.29
C12 BER C . 5.42 2.09 -0.05
C13 BER C . 4.65 3.77 1.52
C14 BER C . 5.47 -2.90 4.96
O1 BER C . 4.80 -1.57 6.63
C15 BER C . 5.54 3.07 -1.06
C16 BER C . 4.78 4.76 0.52
O2 BER C . 5.48 -3.71 6.04
C17 BER C . 5.02 -2.91 7.17
C18 BER C . 5.22 4.42 -0.77
O3 BER C . 5.95 2.70 -2.33
O4 BER C . 5.38 5.37 -1.76
C19 BER C . 7.29 2.97 -2.74
C20 BER C . 5.54 6.78 -1.49
H31 BER C . 4.62 1.78 3.23
H51 BER C . 4.65 0.38 4.71
H61 BER C . 6.11 0.43 -1.30
H71 BER C . 4.45 -1.91 0.07
H72 BER C . 5.99 -1.77 -0.75
H91 BER C . 6.14 -4.23 3.40
H101 BER C . 7.23 -2.54 1.16
H102 BER C . 5.82 -3.60 1.03
H131 BER C . 4.31 4.05 2.51
H161 BER C . 4.50 5.78 0.75
H171 BER C . 5.78 -2.88 7.96
H172 BER C . 4.09 -3.32 7.56
H191 BER C . 8.02 2.42 -2.12
H192 BER C . 7.43 2.65 -3.79
H193 BER C . 7.52 4.04 -2.70
H201 BER C . 6.37 6.93 -0.78
H202 BER C . 5.78 7.31 -2.41
H203 BER C . 4.63 7.20 -1.06
C1 BER D . -6.44 -6.28 -0.86
C2 BER D . -5.98 -7.60 -0.54
N1 BER D . -6.16 -5.73 -2.13
C3 BER D . -7.12 -5.48 0.08
C4 BER D . -5.33 -8.39 -1.54
C5 BER D . -6.12 -8.15 0.77
C6 BER D . -6.59 -4.44 -2.43
C7 BER D . -5.25 -6.37 -3.07
C8 BER D . -7.48 -4.16 -0.21
C9 BER D . -4.83 -9.68 -1.26
C10 BER D . -5.22 -7.90 -2.97
C11 BER D . -5.61 -9.44 1.02
C12 BER D . -7.18 -3.62 -1.48
C13 BER D . -8.11 -3.36 0.75
C14 BER D . -4.98 -10.16 0.04
O1 BER D . -5.64 -10.14 2.18
C15 BER D . -7.46 -2.26 -1.76
C16 BER D . -8.41 -2.01 0.47
O2 BER D . -4.61 -11.38 0.52
C17 BER D . -5.07 -11.45 1.89
C18 BER D . -8.07 -1.45 -0.77
O3 BER D . -6.95 -1.74 -2.94
O4 BER D . -8.27 -0.10 -0.99
C19 BER D . -7.69 -0.90 -3.85
C20 BER D . -9.54 0.53 -0.69
H31 BER D . -7.37 -5.85 1.06
H51 BER D . -6.58 -7.64 1.61
H61 BER D . -6.36 -4.07 -3.44
H71 BER D . -5.53 -6.09 -4.09
H72 BER D . -4.25 -5.95 -2.89
H91 BER D . -4.36 -10.29 -2.02
H101 BER D . -4.31 -8.29 -3.45
H102 BER D . -6.06 -8.32 -3.54
H131 BER D . -8.34 -3.77 1.73
H161 BER D . -8.86 -1.39 1.24
H171 BER D . -4.23 -11.66 2.58
H172 BER D . -5.85 -12.22 1.98
H191 BER D . -7.97 0.05 -3.39
H192 BER D . -7.08 -0.68 -4.74
H193 BER D . -8.60 -1.41 -4.19
H201 BER D . -9.77 0.50 0.38
H202 BER D . -9.51 1.58 -1.00
H203 BER D . -10.35 0.04 -1.25
#